data_8XGL
#
_entry.id   8XGL
#
_cell.length_a   129.800
_cell.length_b   129.800
_cell.length_c   79.960
_cell.angle_alpha   90.00
_cell.angle_beta   90.00
_cell.angle_gamma   120.00
#
_symmetry.space_group_name_H-M   'H 3'
#
loop_
_entity.id
_entity.type
_entity.pdbx_description
1 polymer 'Necrosis-inducing secreted protein 1'
2 non-polymer 2-acetamido-2-deoxy-beta-D-glucopyranose
3 non-polymer GLYCEROL
4 non-polymer 'SULFATE ION'
5 water water
#
_entity_poly.entity_id   1
_entity_poly.type   'polypeptide(L)'
_entity_poly.pdbx_seq_one_letter_code
;ADPHHHHHHYINSMSAPASVQRGQAFTAQLNSSIYVQNYDDFGVVWGLAPPNLNTSACVGCVGRRIGYTNLFGDKADVQV
PPSGTVGVQVTVPADQAPGEYLLIAGASYLVGASGVTGFNYFNTTVQVCE
;
_entity_poly.pdbx_strand_id   A,B
#
loop_
_chem_comp.id
_chem_comp.type
_chem_comp.name
_chem_comp.formula
GOL non-polymer GLYCEROL 'C3 H8 O3'
NAG D-saccharide, beta linking 2-acetamido-2-deoxy-beta-D-glucopyranose 'C8 H15 N O6'
SO4 non-polymer 'SULFATE ION' 'O4 S -2'
#
# COMPACT_ATOMS: atom_id res chain seq x y z
N HIS A 7 -8.11 -10.66 -10.72
CA HIS A 7 -6.81 -10.05 -10.34
C HIS A 7 -5.89 -9.91 -11.56
N HIS A 8 -6.35 -9.27 -12.65
CA HIS A 8 -5.56 -9.20 -13.88
C HIS A 8 -5.73 -7.85 -14.57
N HIS A 9 -5.63 -6.78 -13.80
CA HIS A 9 -5.71 -5.44 -14.34
C HIS A 9 -4.95 -4.52 -13.42
N TYR A 10 -4.39 -3.46 -14.00
CA TYR A 10 -3.57 -2.53 -13.26
C TYR A 10 -3.96 -1.11 -13.64
N ILE A 11 -3.79 -0.21 -12.67
CA ILE A 11 -3.97 1.21 -12.95
C ILE A 11 -2.81 1.70 -13.80
N ASN A 12 -3.14 2.28 -14.95
CA ASN A 12 -2.13 2.70 -15.90
C ASN A 12 -2.00 4.22 -16.04
N SER A 13 -2.92 4.99 -15.47
CA SER A 13 -2.81 6.44 -15.62
C SER A 13 -3.76 7.13 -14.67
N MET A 14 -3.52 8.43 -14.50
CA MET A 14 -4.26 9.27 -13.56
C MET A 14 -4.46 10.63 -14.19
N SER A 15 -5.64 11.20 -13.99
CA SER A 15 -5.92 12.57 -14.42
C SER A 15 -6.76 13.26 -13.37
N ALA A 16 -6.84 14.58 -13.49
CA ALA A 16 -7.50 15.42 -12.50
C ALA A 16 -7.69 16.80 -13.11
N PRO A 17 -8.55 17.63 -12.52
CA PRO A 17 -8.76 18.97 -13.08
C PRO A 17 -7.49 19.83 -12.99
N ALA A 18 -7.39 20.78 -13.92
CA ALA A 18 -6.22 21.65 -13.96
C ALA A 18 -6.17 22.58 -12.75
N SER A 19 -7.33 23.03 -12.27
CA SER A 19 -7.43 23.91 -11.13
C SER A 19 -8.37 23.30 -10.09
N VAL A 20 -8.04 23.48 -8.81
CA VAL A 20 -8.91 23.05 -7.72
C VAL A 20 -8.96 24.13 -6.65
N GLN A 21 -10.04 24.11 -5.87
CA GLN A 21 -10.22 24.99 -4.73
C GLN A 21 -9.90 24.22 -3.46
N ARG A 22 -9.07 24.81 -2.61
CA ARG A 22 -8.71 24.15 -1.36
C ARG A 22 -9.95 24.01 -0.48
N GLY A 23 -10.04 22.87 0.21
CA GLY A 23 -11.20 22.54 1.01
C GLY A 23 -12.38 21.99 0.24
N GLN A 24 -12.34 21.98 -1.09
CA GLN A 24 -13.46 21.54 -1.91
C GLN A 24 -13.06 20.27 -2.65
N ALA A 25 -13.81 19.21 -2.42
CA ALA A 25 -13.49 17.93 -3.04
C ALA A 25 -13.60 18.03 -4.56
N PHE A 26 -12.71 17.35 -5.25
CA PHE A 26 -12.75 17.19 -6.69
C PHE A 26 -12.58 15.72 -7.00
N THR A 27 -12.59 15.39 -8.28
CA THR A 27 -12.51 14.01 -8.73
C THR A 27 -11.24 13.80 -9.54
N ALA A 28 -10.50 12.77 -9.17
CA ALA A 28 -9.38 12.27 -9.95
C ALA A 28 -9.84 11.00 -10.68
N GLN A 29 -9.37 10.83 -11.91
CA GLN A 29 -9.73 9.68 -12.72
C GLN A 29 -8.56 8.72 -12.78
N LEU A 30 -8.82 7.45 -12.50
CA LEU A 30 -7.85 6.39 -12.65
C LEU A 30 -8.27 5.47 -13.79
N ASN A 31 -7.35 5.22 -14.71
CA ASN A 31 -7.55 4.31 -15.83
C ASN A 31 -6.90 2.97 -15.54
N SER A 32 -7.49 1.91 -16.06
CA SER A 32 -6.95 0.57 -15.90
C SER A 32 -6.90 -0.15 -17.25
N SER A 33 -6.06 -1.19 -17.29
CA SER A 33 -5.93 -2.04 -18.47
C SER A 33 -5.72 -3.48 -18.03
N ILE A 34 -6.10 -4.41 -18.91
CA ILE A 34 -5.92 -5.83 -18.61
C ILE A 34 -4.44 -6.18 -18.70
N TYR A 35 -4.06 -7.20 -17.95
CA TYR A 35 -2.67 -7.66 -17.88
C TYR A 35 -2.65 -9.18 -17.86
N VAL A 36 -1.59 -9.76 -18.45
CA VAL A 36 -1.48 -11.22 -18.44
C VAL A 36 -1.17 -11.71 -17.03
N GLN A 37 -0.18 -11.11 -16.39
CA GLN A 37 0.19 -11.50 -15.04
C GLN A 37 -0.91 -11.13 -14.05
N ASN A 38 -1.00 -11.91 -12.98
CA ASN A 38 -1.84 -11.50 -11.87
C ASN A 38 -1.36 -10.15 -11.37
N TYR A 39 -2.30 -9.30 -10.98
CA TYR A 39 -1.98 -7.96 -10.54
C TYR A 39 -3.05 -7.50 -9.55
N ASP A 40 -2.61 -6.97 -8.41
CA ASP A 40 -3.51 -6.45 -7.39
C ASP A 40 -3.18 -4.98 -7.14
N ASP A 41 -4.20 -4.12 -7.26
CA ASP A 41 -4.10 -2.74 -6.81
C ASP A 41 -4.62 -2.68 -5.38
N PHE A 42 -3.74 -2.34 -4.43
CA PHE A 42 -4.16 -2.32 -3.03
C PHE A 42 -4.78 -0.99 -2.65
N GLY A 43 -4.14 0.11 -3.03
CA GLY A 43 -4.68 1.42 -2.71
C GLY A 43 -3.86 2.48 -3.38
N VAL A 44 -4.34 3.71 -3.27
CA VAL A 44 -3.69 4.86 -3.88
C VAL A 44 -3.54 5.95 -2.83
N VAL A 45 -2.30 6.35 -2.55
CA VAL A 45 -2.02 7.49 -1.70
C VAL A 45 -1.98 8.73 -2.58
N TRP A 46 -2.61 9.80 -2.11
CA TRP A 46 -2.69 11.06 -2.84
C TRP A 46 -1.80 12.08 -2.17
N GLY A 47 -0.88 12.66 -2.93
CA GLY A 47 0.06 13.60 -2.41
C GLY A 47 0.03 14.90 -3.19
N LEU A 48 0.33 15.99 -2.48
CA LEU A 48 0.48 17.31 -3.08
C LEU A 48 1.93 17.74 -2.87
N ALA A 49 2.64 17.92 -3.97
CA ALA A 49 4.08 18.14 -3.94
C ALA A 49 4.47 19.45 -4.60
N PRO A 50 5.63 20.01 -4.23
CA PRO A 50 6.16 21.17 -4.95
C PRO A 50 6.40 20.82 -6.41
N PRO A 51 6.17 21.74 -7.33
CA PRO A 51 6.35 21.40 -8.77
C PRO A 51 7.77 21.05 -9.15
N ASN A 52 8.76 21.45 -8.35
CA ASN A 52 10.16 21.13 -8.64
C ASN A 52 10.62 19.82 -8.00
N LEU A 53 9.70 19.02 -7.46
CA LEU A 53 10.06 17.80 -6.75
C LEU A 53 11.01 16.94 -7.59
N ASN A 54 12.09 16.50 -6.97
CA ASN A 54 13.10 15.63 -7.59
C ASN A 54 12.96 14.23 -6.99
N THR A 55 12.43 13.29 -7.78
CA THR A 55 12.22 11.93 -7.31
C THR A 55 13.50 11.11 -7.25
N SER A 56 14.58 11.56 -7.91
CA SER A 56 15.85 10.86 -7.80
C SER A 56 16.51 11.11 -6.45
N ALA A 57 16.37 12.32 -5.92
CA ALA A 57 16.91 12.64 -4.60
C ALA A 57 15.94 12.28 -3.48
N CYS A 58 14.65 12.24 -3.78
CA CYS A 58 13.60 11.94 -2.82
C CYS A 58 12.83 10.73 -3.35
N VAL A 59 13.46 9.55 -3.28
CA VAL A 59 12.85 8.37 -3.86
C VAL A 59 11.54 8.09 -3.16
N GLY A 60 10.47 7.89 -3.94
CA GLY A 60 9.17 7.54 -3.41
C GLY A 60 8.35 8.70 -2.88
N CYS A 61 8.78 9.94 -3.05
CA CYS A 61 8.13 11.07 -2.41
C CYS A 61 6.88 11.50 -3.18
N VAL A 62 5.81 11.78 -2.44
CA VAL A 62 4.57 12.30 -3.01
C VAL A 62 4.16 13.64 -2.42
N GLY A 63 4.92 14.17 -1.47
CA GLY A 63 4.61 15.45 -0.87
C GLY A 63 3.70 15.31 0.33
N ARG A 64 2.86 16.32 0.56
CA ARG A 64 1.91 16.27 1.66
C ARG A 64 0.81 15.27 1.34
N ARG A 65 0.54 14.36 2.29
CA ARG A 65 -0.53 13.38 2.09
C ARG A 65 -1.88 14.07 2.22
N ILE A 66 -2.68 14.04 1.15
CA ILE A 66 -3.99 14.67 1.15
C ILE A 66 -5.12 13.67 1.04
N GLY A 67 -4.82 12.38 0.86
CA GLY A 67 -5.85 11.37 0.83
C GLY A 67 -5.23 9.99 0.70
N TYR A 68 -6.06 8.99 0.94
CA TYR A 68 -5.72 7.60 0.65
C TYR A 68 -6.97 6.86 0.23
N THR A 69 -6.89 6.11 -0.86
CA THR A 69 -8.01 5.33 -1.38
C THR A 69 -7.69 3.85 -1.27
N ASN A 70 -8.43 3.13 -0.45
CA ASN A 70 -8.31 1.68 -0.42
C ASN A 70 -9.10 1.09 -1.57
N LEU A 71 -8.51 0.09 -2.24
CA LEU A 71 -9.13 -0.53 -3.40
C LEU A 71 -9.35 -2.03 -3.28
N PHE A 72 -8.73 -2.69 -2.32
CA PHE A 72 -8.71 -4.14 -2.27
C PHE A 72 -9.70 -4.67 -1.25
N GLN A 79 -14.99 -4.25 -7.97
CA GLN A 79 -15.31 -2.82 -8.03
C GLN A 79 -14.66 -2.16 -9.25
N VAL A 80 -13.33 -2.07 -9.22
CA VAL A 80 -12.55 -1.34 -10.22
C VAL A 80 -12.73 -1.94 -11.61
N PRO A 81 -13.22 -1.17 -12.61
CA PRO A 81 -13.38 -1.73 -13.96
C PRO A 81 -12.06 -2.18 -14.54
N PRO A 82 -11.97 -3.42 -15.01
CA PRO A 82 -10.66 -3.94 -15.46
C PRO A 82 -10.02 -3.13 -16.58
N SER A 83 -10.80 -2.57 -17.51
CA SER A 83 -10.24 -1.90 -18.68
C SER A 83 -10.87 -0.53 -18.90
N GLY A 84 -11.36 0.10 -17.84
CA GLY A 84 -11.98 1.39 -17.98
C GLY A 84 -11.56 2.38 -16.94
N THR A 85 -12.49 3.25 -16.59
CA THR A 85 -12.24 4.44 -15.81
C THR A 85 -12.96 4.34 -14.49
N VAL A 86 -12.35 4.89 -13.44
CA VAL A 86 -13.02 5.01 -12.15
C VAL A 86 -12.69 6.37 -11.56
N GLY A 87 -13.72 7.02 -11.03
CA GLY A 87 -13.56 8.29 -10.35
C GLY A 87 -13.25 8.11 -8.87
N VAL A 88 -12.42 9.00 -8.34
CA VAL A 88 -11.99 8.94 -6.95
C VAL A 88 -12.07 10.34 -6.35
N GLN A 89 -12.56 10.42 -5.11
CA GLN A 89 -12.68 11.70 -4.42
C GLN A 89 -11.34 12.10 -3.80
N VAL A 90 -10.97 13.35 -3.98
CA VAL A 90 -9.72 13.91 -3.46
C VAL A 90 -10.01 15.34 -3.03
N THR A 91 -9.46 15.74 -1.87
CA THR A 91 -9.62 17.09 -1.35
C THR A 91 -8.25 17.65 -0.99
N VAL A 92 -7.95 18.84 -1.47
CA VAL A 92 -6.79 19.59 -0.97
C VAL A 92 -7.20 20.29 0.32
N PRO A 93 -6.46 20.11 1.42
CA PRO A 93 -6.87 20.69 2.70
C PRO A 93 -7.08 22.20 2.59
N ALA A 94 -8.01 22.71 3.39
CA ALA A 94 -8.37 24.12 3.35
C ALA A 94 -7.22 25.04 3.72
N ASP A 95 -6.24 24.57 4.49
CA ASP A 95 -5.14 25.41 4.89
C ASP A 95 -3.98 25.43 3.90
N GLN A 96 -4.11 24.75 2.76
CA GLN A 96 -3.02 24.71 1.80
C GLN A 96 -2.79 26.07 1.20
N ALA A 97 -1.52 26.47 1.11
CA ALA A 97 -1.20 27.72 0.45
C ALA A 97 -1.56 27.63 -1.03
N PRO A 98 -2.12 28.67 -1.61
CA PRO A 98 -2.41 28.65 -3.05
C PRO A 98 -1.14 28.64 -3.87
N GLY A 99 -1.26 28.16 -5.09
CA GLY A 99 -0.15 28.15 -6.03
C GLY A 99 -0.20 26.90 -6.88
N GLU A 100 0.89 26.68 -7.60
CA GLU A 100 1.03 25.54 -8.49
C GLU A 100 1.66 24.37 -7.72
N TYR A 101 1.11 23.18 -7.93
CA TYR A 101 1.62 21.97 -7.28
C TYR A 101 1.60 20.82 -8.26
N LEU A 102 2.25 19.73 -7.85
CA LEU A 102 2.07 18.43 -8.45
C LEU A 102 1.10 17.61 -7.59
N LEU A 103 0.07 17.08 -8.22
CA LEU A 103 -0.78 16.08 -7.59
C LEU A 103 -0.19 14.71 -7.93
N ILE A 104 0.16 13.94 -6.92
CA ILE A 104 0.86 12.68 -7.11
C ILE A 104 -0.01 11.54 -6.58
N ALA A 105 -0.24 10.55 -7.43
CA ALA A 105 -0.97 9.35 -7.06
C ALA A 105 0.05 8.23 -6.90
N GLY A 106 0.08 7.60 -5.73
CA GLY A 106 0.97 6.49 -5.49
C GLY A 106 0.17 5.21 -5.35
N ALA A 107 0.21 4.36 -6.38
CA ALA A 107 -0.58 3.14 -6.41
C ALA A 107 0.29 1.97 -5.93
N SER A 108 -0.10 1.38 -4.81
CA SER A 108 0.58 0.20 -4.31
C SER A 108 0.04 -1.04 -5.05
N TYR A 109 0.93 -1.99 -5.31
CA TYR A 109 0.54 -3.12 -6.14
C TYR A 109 1.29 -4.37 -5.73
N LEU A 110 0.75 -5.51 -6.14
CA LEU A 110 1.43 -6.79 -6.21
C LEU A 110 1.27 -7.32 -7.62
N VAL A 111 2.34 -7.88 -8.19
CA VAL A 111 2.29 -8.44 -9.54
C VAL A 111 3.08 -9.72 -9.58
N GLY A 112 2.56 -10.71 -10.32
CA GLY A 112 3.30 -11.88 -10.71
C GLY A 112 3.23 -13.01 -9.72
N ALA A 113 3.79 -14.15 -10.14
CA ALA A 113 3.80 -15.34 -9.31
C ALA A 113 4.76 -15.20 -8.12
N SER A 114 5.78 -14.36 -8.26
CA SER A 114 6.72 -14.13 -7.17
C SER A 114 6.21 -13.11 -6.17
N GLY A 115 5.16 -12.37 -6.50
CA GLY A 115 4.60 -11.39 -5.60
C GLY A 115 5.44 -10.15 -5.44
N VAL A 116 5.89 -9.56 -6.55
CA VAL A 116 6.61 -8.30 -6.49
C VAL A 116 5.65 -7.20 -6.05
N THR A 117 6.02 -6.46 -5.00
CA THR A 117 5.20 -5.38 -4.48
C THR A 117 5.97 -4.06 -4.60
N GLY A 118 5.22 -2.98 -4.73
CA GLY A 118 5.84 -1.67 -4.85
C GLY A 118 4.79 -0.60 -5.08
N PHE A 119 5.28 0.55 -5.54
CA PHE A 119 4.42 1.69 -5.85
C PHE A 119 4.68 2.12 -7.29
N ASN A 120 3.61 2.39 -8.02
CA ASN A 120 3.68 3.14 -9.27
C ASN A 120 3.17 4.56 -9.00
N TYR A 121 3.85 5.54 -9.61
CA TYR A 121 3.54 6.94 -9.38
C TYR A 121 3.03 7.57 -10.67
N PHE A 122 1.99 8.40 -10.51
CA PHE A 122 1.44 9.22 -11.58
C PHE A 122 1.32 10.63 -11.05
N ASN A 123 1.57 11.62 -11.88
CA ASN A 123 1.47 13.00 -11.45
C ASN A 123 0.81 13.86 -12.52
N THR A 124 0.20 14.94 -12.06
CA THR A 124 -0.25 16.01 -12.93
C THR A 124 -0.02 17.33 -12.21
N THR A 125 0.05 18.39 -12.99
CA THR A 125 0.12 19.73 -12.44
C THR A 125 -1.28 20.22 -12.13
N VAL A 126 -1.43 20.85 -10.97
CA VAL A 126 -2.70 21.41 -10.54
C VAL A 126 -2.45 22.78 -9.95
N GLN A 127 -3.37 23.70 -10.20
CA GLN A 127 -3.36 25.02 -9.60
C GLN A 127 -4.32 25.00 -8.42
N VAL A 128 -3.81 25.26 -7.22
CA VAL A 128 -4.62 25.28 -6.01
C VAL A 128 -5.03 26.73 -5.75
N CYS A 129 -6.32 26.99 -5.86
CA CYS A 129 -6.89 28.31 -5.65
C CYS A 129 -7.58 28.39 -4.29
N GLU A 130 -7.69 29.60 -3.77
CA GLU A 130 -8.44 29.83 -2.53
C GLU A 130 -9.94 29.59 -2.75
N HIS B 7 -1.15 8.48 13.80
CA HIS B 7 -0.42 9.53 13.05
C HIS B 7 1.08 9.60 13.39
N HIS B 8 1.48 8.99 14.50
CA HIS B 8 2.89 8.99 14.91
C HIS B 8 3.28 7.65 15.52
N HIS B 9 2.89 6.59 14.82
CA HIS B 9 3.27 5.24 15.17
C HIS B 9 3.48 4.46 13.88
N TYR B 10 4.16 3.33 13.98
CA TYR B 10 4.48 2.54 12.80
C TYR B 10 4.59 1.08 13.17
N ILE B 11 4.21 0.23 12.21
CA ILE B 11 4.43 -1.20 12.34
C ILE B 11 5.93 -1.45 12.23
N ASN B 12 6.51 -2.08 13.25
CA ASN B 12 7.94 -2.37 13.27
C ASN B 12 8.25 -3.84 13.36
N SER B 13 7.25 -4.71 13.50
CA SER B 13 7.56 -6.13 13.57
C SER B 13 6.30 -6.96 13.36
N MET B 14 6.53 -8.24 13.05
CA MET B 14 5.47 -9.20 12.80
C MET B 14 5.88 -10.56 13.34
N SER B 15 4.90 -11.29 13.87
CA SER B 15 5.11 -12.65 14.35
C SER B 15 3.91 -13.50 13.94
N ALA B 16 4.14 -14.82 13.90
CA ALA B 16 3.09 -15.76 13.52
C ALA B 16 3.42 -17.11 14.14
N PRO B 17 2.46 -18.04 14.15
CA PRO B 17 2.75 -19.36 14.70
C PRO B 17 3.71 -20.15 13.83
N ALA B 18 4.44 -21.06 14.47
CA ALA B 18 5.42 -21.88 13.77
C ALA B 18 4.77 -22.79 12.73
N SER B 19 3.55 -23.23 12.98
CA SER B 19 2.84 -24.10 12.07
C SER B 19 1.41 -23.60 11.91
N VAL B 20 0.91 -23.70 10.69
CA VAL B 20 -0.46 -23.33 10.38
C VAL B 20 -1.06 -24.41 9.50
N GLN B 21 -2.38 -24.53 9.55
CA GLN B 21 -3.11 -25.51 8.77
C GLN B 21 -3.71 -24.83 7.55
N ARG B 22 -3.41 -25.37 6.37
CA ARG B 22 -3.98 -24.81 5.16
C ARG B 22 -5.51 -24.87 5.20
N GLY B 23 -6.14 -23.86 4.62
CA GLY B 23 -7.57 -23.72 4.69
C GLY B 23 -8.10 -23.16 5.99
N GLN B 24 -7.25 -23.02 7.00
CA GLN B 24 -7.65 -22.50 8.29
C GLN B 24 -7.01 -21.13 8.52
N ALA B 25 -7.77 -20.23 9.13
CA ALA B 25 -7.22 -18.94 9.52
C ALA B 25 -6.38 -19.09 10.77
N PHE B 26 -5.25 -18.40 10.79
CA PHE B 26 -4.40 -18.29 11.97
C PHE B 26 -4.26 -16.82 12.34
N THR B 27 -3.69 -16.58 13.51
CA THR B 27 -3.52 -15.23 14.05
C THR B 27 -2.06 -14.81 13.91
N ALA B 28 -1.81 -13.78 13.11
CA ALA B 28 -0.51 -13.12 13.08
C ALA B 28 -0.55 -11.87 13.95
N GLN B 29 0.61 -11.51 14.51
CA GLN B 29 0.73 -10.34 15.36
C GLN B 29 1.56 -9.27 14.66
N LEU B 30 1.07 -8.03 14.75
CA LEU B 30 1.79 -6.86 14.27
C LEU B 30 2.10 -5.97 15.47
N ASN B 31 3.38 -5.71 15.71
CA ASN B 31 3.78 -4.73 16.72
C ASN B 31 3.88 -3.35 16.09
N SER B 32 3.70 -2.34 16.93
CA SER B 32 3.86 -0.95 16.52
C SER B 32 4.64 -0.20 17.59
N SER B 33 5.36 0.83 17.16
CA SER B 33 6.12 1.69 18.04
C SER B 33 5.88 3.14 17.69
N ILE B 34 6.22 4.03 18.63
CA ILE B 34 6.10 5.46 18.38
C ILE B 34 7.08 5.87 17.28
N TYR B 35 6.72 6.91 16.53
CA TYR B 35 7.54 7.45 15.46
C TYR B 35 7.62 8.96 15.62
N VAL B 36 8.82 9.52 15.43
CA VAL B 36 9.00 10.96 15.59
C VAL B 36 8.24 11.71 14.51
N GLN B 37 8.50 11.38 13.25
CA GLN B 37 7.86 12.06 12.14
C GLN B 37 6.44 11.54 11.93
N ASN B 38 5.67 12.27 11.13
CA ASN B 38 4.38 11.76 10.71
C ASN B 38 4.57 10.46 9.96
N TYR B 39 3.70 9.49 10.23
CA TYR B 39 3.84 8.16 9.68
C TYR B 39 2.47 7.53 9.49
N ASP B 40 2.17 7.12 8.26
CA ASP B 40 0.94 6.41 7.94
C ASP B 40 1.28 4.97 7.55
N ASP B 41 0.59 4.01 8.18
CA ASP B 41 0.53 2.65 7.68
C ASP B 41 -0.76 2.50 6.87
N PHE B 42 -0.63 2.14 5.59
CA PHE B 42 -1.81 2.02 4.76
C PHE B 42 -2.40 0.62 4.76
N GLY B 43 -1.57 -0.41 4.73
CA GLY B 43 -2.06 -1.77 4.66
C GLY B 43 -0.90 -2.74 4.69
N VAL B 44 -1.24 -4.02 4.88
CA VAL B 44 -0.25 -5.08 4.96
C VAL B 44 -0.66 -6.18 3.99
N VAL B 45 0.21 -6.48 3.03
CA VAL B 45 0.04 -7.64 2.16
C VAL B 45 0.73 -8.83 2.80
N TRP B 46 0.06 -9.97 2.82
CA TRP B 46 0.57 -11.21 3.39
C TRP B 46 0.90 -12.17 2.26
N GLY B 47 2.12 -12.69 2.27
CA GLY B 47 2.56 -13.59 1.23
C GLY B 47 3.20 -14.85 1.79
N LEU B 48 3.16 -15.89 0.96
CA LEU B 48 3.81 -17.17 1.25
C LEU B 48 4.89 -17.37 0.19
N ALA B 49 6.14 -17.36 0.63
CA ALA B 49 7.29 -17.35 -0.25
C ALA B 49 8.14 -18.59 0.00
N PRO B 50 8.89 -19.06 -0.99
CA PRO B 50 9.76 -20.19 -0.75
C PRO B 50 10.74 -19.88 0.35
N PRO B 51 11.12 -20.89 1.15
CA PRO B 51 12.02 -20.62 2.29
C PRO B 51 13.39 -20.11 1.87
N ASN B 52 13.76 -20.31 0.60
CA ASN B 52 15.05 -19.96 0.03
C ASN B 52 15.04 -18.62 -0.71
N LEU B 53 13.96 -17.86 -0.60
CA LEU B 53 13.83 -16.62 -1.34
C LEU B 53 15.05 -15.72 -1.13
N ASN B 54 15.64 -15.27 -2.23
CA ASN B 54 16.71 -14.27 -2.21
C ASN B 54 16.10 -12.93 -2.60
N THR B 55 15.95 -12.03 -1.62
CA THR B 55 15.33 -10.75 -1.88
C THR B 55 16.25 -9.80 -2.65
N SER B 56 17.56 -10.08 -2.67
CA SER B 56 18.46 -9.30 -3.51
C SER B 56 18.20 -9.56 -4.99
N ALA B 57 17.82 -10.78 -5.34
CA ALA B 57 17.43 -11.11 -6.70
C ALA B 57 15.96 -10.83 -6.98
N CYS B 58 15.12 -10.92 -5.96
CA CYS B 58 13.67 -10.72 -6.07
C CYS B 58 13.29 -9.55 -5.17
N VAL B 59 13.56 -8.33 -5.64
CA VAL B 59 13.37 -7.14 -4.82
C VAL B 59 11.89 -6.91 -4.58
N GLY B 60 11.50 -6.80 -3.30
CA GLY B 60 10.12 -6.55 -2.95
C GLY B 60 9.18 -7.74 -3.06
N CYS B 61 9.70 -8.96 -3.14
CA CYS B 61 8.84 -10.12 -3.35
C CYS B 61 8.26 -10.61 -2.04
N VAL B 62 6.98 -10.97 -2.07
CA VAL B 62 6.31 -11.58 -0.93
C VAL B 62 5.81 -12.98 -1.21
N GLY B 63 5.95 -13.46 -2.44
CA GLY B 63 5.49 -14.80 -2.78
C GLY B 63 4.04 -14.81 -3.18
N ARG B 64 3.34 -15.89 -2.85
CA ARG B 64 1.92 -15.99 -3.19
C ARG B 64 1.09 -15.16 -2.22
N ARG B 65 0.21 -14.34 -2.76
CA ARG B 65 -0.65 -13.50 -1.92
C ARG B 65 -1.70 -14.35 -1.23
N ILE B 66 -1.73 -14.29 0.10
CA ILE B 66 -2.73 -15.01 0.89
C ILE B 66 -3.61 -14.08 1.72
N GLY B 67 -3.34 -12.78 1.73
CA GLY B 67 -4.19 -11.87 2.45
C GLY B 67 -3.79 -10.44 2.22
N TYR B 68 -4.68 -9.54 2.62
CA TYR B 68 -4.37 -8.11 2.63
C TYR B 68 -5.16 -7.49 3.76
N THR B 69 -4.49 -6.68 4.55
CA THR B 69 -5.10 -6.01 5.70
C THR B 69 -5.03 -4.51 5.45
N ASN B 70 -6.18 -3.89 5.24
CA ASN B 70 -6.22 -2.44 5.13
C ASN B 70 -6.14 -1.84 6.53
N LEU B 71 -5.27 -0.86 6.70
CA LEU B 71 -5.03 -0.26 8.01
C LEU B 71 -5.40 1.22 8.11
N PHE B 72 -5.77 1.86 7.02
CA PHE B 72 -5.97 3.31 7.02
C PHE B 72 -7.45 3.66 7.08
N GLY B 73 -7.77 4.71 7.83
CA GLY B 73 -9.13 5.19 7.91
C GLY B 73 -9.94 4.45 8.97
N ASP B 74 -11.21 4.85 9.08
CA ASP B 74 -12.08 4.28 10.09
C ASP B 74 -12.70 2.96 9.65
N LYS B 75 -12.74 2.69 8.35
CA LYS B 75 -13.13 1.38 7.84
C LYS B 75 -11.95 0.43 7.80
N ALA B 76 -10.95 0.65 8.67
CA ALA B 76 -9.77 -0.21 8.68
C ALA B 76 -10.13 -1.60 9.19
N ASP B 77 -9.41 -2.60 8.68
CA ASP B 77 -9.67 -3.98 9.10
C ASP B 77 -9.35 -4.17 10.57
N VAL B 78 -8.28 -3.53 11.05
CA VAL B 78 -7.85 -3.63 12.44
C VAL B 78 -7.35 -2.26 12.87
N GLN B 79 -7.36 -2.03 14.18
CA GLN B 79 -6.92 -0.78 14.77
C GLN B 79 -5.58 -1.04 15.47
N VAL B 80 -4.52 -0.41 14.95
CA VAL B 80 -3.16 -0.58 15.45
C VAL B 80 -2.93 0.36 16.64
N PRO B 81 -2.59 -0.14 17.82
CA PRO B 81 -2.32 0.76 18.93
C PRO B 81 -1.04 1.55 18.68
N PRO B 82 -0.93 2.75 19.23
CA PRO B 82 0.31 3.53 19.00
C PRO B 82 1.56 2.75 19.38
N SER B 83 1.49 2.00 20.47
CA SER B 83 2.58 1.16 20.92
C SER B 83 1.99 -0.12 21.49
N GLY B 84 2.35 -1.25 20.89
CA GLY B 84 1.84 -2.53 21.33
C GLY B 84 1.59 -3.45 20.16
N THR B 85 0.66 -4.39 20.34
CA THR B 85 0.45 -5.47 19.39
C THR B 85 -1.03 -5.53 19.02
N VAL B 86 -1.30 -6.09 17.84
CA VAL B 86 -2.67 -6.36 17.40
C VAL B 86 -2.68 -7.63 16.57
N GLY B 87 -3.68 -8.47 16.81
CA GLY B 87 -3.82 -9.70 16.05
C GLY B 87 -4.54 -9.47 14.72
N VAL B 88 -4.13 -10.25 13.72
CA VAL B 88 -4.70 -10.17 12.38
C VAL B 88 -5.01 -11.58 11.91
N GLN B 89 -6.24 -11.79 11.42
CA GLN B 89 -6.63 -13.08 10.88
C GLN B 89 -6.13 -13.20 9.44
N VAL B 90 -5.35 -14.25 9.19
CA VAL B 90 -4.77 -14.54 7.89
C VAL B 90 -5.08 -15.99 7.60
N THR B 91 -5.44 -16.30 6.36
CA THR B 91 -5.86 -17.65 6.02
C THR B 91 -5.03 -18.16 4.85
N VAL B 92 -4.41 -19.30 5.06
CA VAL B 92 -3.66 -19.99 4.00
C VAL B 92 -4.64 -20.64 3.04
N PRO B 93 -4.43 -20.55 1.72
CA PRO B 93 -5.36 -21.18 0.78
C PRO B 93 -5.44 -22.69 1.01
N ALA B 94 -6.61 -23.25 0.72
CA ALA B 94 -6.84 -24.68 0.95
C ALA B 94 -5.97 -25.54 0.03
N ASP B 95 -5.58 -25.01 -1.13
CA ASP B 95 -4.77 -25.76 -2.08
C ASP B 95 -3.27 -25.56 -1.88
N GLN B 96 -2.85 -24.78 -0.89
CA GLN B 96 -1.43 -24.56 -0.67
C GLN B 96 -0.71 -25.89 -0.43
N ALA B 97 0.40 -26.09 -1.12
CA ALA B 97 1.21 -27.28 -0.92
C ALA B 97 1.76 -27.30 0.50
N PRO B 98 1.68 -28.42 1.22
CA PRO B 98 2.27 -28.46 2.56
C PRO B 98 3.78 -28.30 2.50
N GLY B 99 4.35 -27.69 3.52
CA GLY B 99 5.78 -27.61 3.65
C GLY B 99 6.21 -26.34 4.35
N GLU B 100 7.51 -26.09 4.29
CA GLU B 100 8.11 -24.92 4.94
C GLU B 100 8.07 -23.73 4.00
N TYR B 101 7.70 -22.57 4.54
CA TYR B 101 7.61 -21.34 3.78
C TYR B 101 8.15 -20.18 4.61
N LEU B 102 8.36 -19.06 3.94
CA LEU B 102 8.48 -17.78 4.58
C LEU B 102 7.12 -17.09 4.53
N LEU B 103 6.60 -16.71 5.68
CA LEU B 103 5.46 -15.81 5.73
C LEU B 103 6.02 -14.40 5.69
N ILE B 104 5.59 -13.62 4.71
CA ILE B 104 6.15 -12.29 4.46
C ILE B 104 5.02 -11.28 4.56
N ALA B 105 5.22 -10.26 5.40
CA ALA B 105 4.29 -9.15 5.54
C ALA B 105 4.88 -7.92 4.89
N GLY B 106 4.16 -7.35 3.94
CA GLY B 106 4.58 -6.15 3.27
C GLY B 106 3.73 -4.97 3.68
N ALA B 107 4.28 -4.08 4.49
CA ALA B 107 3.55 -2.95 5.03
C ALA B 107 3.87 -1.71 4.20
N SER B 108 2.85 -1.18 3.52
CA SER B 108 2.97 0.07 2.79
C SER B 108 2.83 1.24 3.75
N TYR B 109 3.54 2.33 3.44
CA TYR B 109 3.62 3.44 4.38
C TYR B 109 3.83 4.76 3.63
N LEU B 110 3.61 5.85 4.35
CA LEU B 110 4.06 7.19 3.99
C LEU B 110 4.69 7.78 5.24
N VAL B 111 5.83 8.45 5.09
CA VAL B 111 6.55 9.01 6.24
C VAL B 111 7.16 10.35 5.89
N GLY B 112 7.07 11.29 6.83
CA GLY B 112 7.78 12.55 6.75
C GLY B 112 7.00 13.62 6.00
N ALA B 113 7.53 14.85 6.09
CA ALA B 113 6.91 15.99 5.41
C ALA B 113 7.03 15.86 3.89
N SER B 114 8.07 15.19 3.40
CA SER B 114 8.22 14.96 1.97
C SER B 114 7.31 13.84 1.45
N GLY B 115 6.70 13.07 2.34
CA GLY B 115 5.80 12.01 1.91
C GLY B 115 6.49 10.83 1.24
N VAL B 116 7.56 10.32 1.85
CA VAL B 116 8.21 9.13 1.32
C VAL B 116 7.27 7.95 1.47
N THR B 117 6.91 7.33 0.35
CA THR B 117 6.08 6.13 0.34
C THR B 117 6.93 4.91 -0.01
N GLY B 118 6.50 3.76 0.48
CA GLY B 118 7.21 2.53 0.18
C GLY B 118 6.62 1.35 0.92
N PHE B 119 7.41 0.27 0.98
CA PHE B 119 7.04 -0.95 1.66
C PHE B 119 8.14 -1.36 2.63
N ASN B 120 7.74 -1.81 3.82
CA ASN B 120 8.63 -2.50 4.74
C ASN B 120 8.24 -3.96 4.79
N TYR B 121 9.24 -4.82 4.91
CA TYR B 121 9.04 -6.26 4.82
C TYR B 121 9.47 -6.92 6.12
N PHE B 122 8.62 -7.81 6.63
CA PHE B 122 8.90 -8.62 7.79
C PHE B 122 8.61 -10.06 7.41
N ASN B 123 9.47 -10.98 7.84
CA ASN B 123 9.31 -12.37 7.51
C ASN B 123 9.47 -13.23 8.74
N THR B 124 8.84 -14.40 8.70
CA THR B 124 9.03 -15.42 9.71
C THR B 124 8.83 -16.77 9.01
N THR B 125 9.49 -17.79 9.53
CA THR B 125 9.36 -19.12 8.96
C THR B 125 8.07 -19.75 9.48
N VAL B 126 7.33 -20.38 8.57
CA VAL B 126 6.10 -21.07 8.93
C VAL B 126 6.05 -22.41 8.21
N GLN B 127 5.55 -23.42 8.90
CA GLN B 127 5.24 -24.72 8.30
C GLN B 127 3.75 -24.76 7.97
N VAL B 128 3.43 -25.08 6.72
CA VAL B 128 2.03 -25.27 6.30
C VAL B 128 1.74 -26.76 6.28
N CYS B 129 0.71 -27.18 7.01
CA CYS B 129 0.34 -28.59 7.10
C CYS B 129 -1.03 -28.83 6.47
N GLU B 130 -1.20 -30.05 5.95
CA GLU B 130 -2.50 -30.56 5.51
C GLU B 130 -3.51 -30.55 6.65
C1 NAG C . -8.34 7.25 -19.41
C2 NAG C . -7.78 8.39 -20.23
C3 NAG C . -8.89 9.03 -21.02
C4 NAG C . -9.53 8.00 -21.94
C5 NAG C . -9.97 6.76 -21.16
C6 NAG C . -10.29 5.59 -22.07
C7 NAG C . -5.72 9.36 -19.35
C8 NAG C . -5.12 10.43 -18.50
N2 NAG C . -7.05 9.35 -19.43
O3 NAG C . -8.37 10.11 -21.78
O4 NAG C . -10.65 8.56 -22.61
O5 NAG C . -8.95 6.29 -20.26
O6 NAG C . -10.53 4.40 -21.32
O7 NAG C . -5.03 8.55 -19.96
H3 NAG C . -9.57 9.39 -20.41
H4 NAG C . -8.86 7.72 -22.60
H5 NAG C . -10.75 7.01 -20.63
H61 NAG C . -9.54 5.44 -22.67
H81 NAG C . -5.36 11.31 -18.84
H82 NAG C . -5.46 10.34 -17.58
H83 NAG C . -4.14 10.34 -18.49
HN2 NAG C . -7.54 9.97 -18.95
HO3 NAG C . -8.80 10.16 -22.56
HO4 NAG C . -10.54 8.46 -23.48
C1 NAG D . 5.93 13.30 -13.19
C2 NAG D . 7.34 13.02 -12.67
C3 NAG D . 8.34 13.03 -13.82
C4 NAG D . 7.89 12.09 -14.94
C5 NAG D . 6.45 12.40 -15.35
C6 NAG D . 5.89 11.40 -16.32
C7 NAG D . 7.84 13.62 -10.35
C8 NAG D . 8.26 14.71 -9.42
N2 NAG D . 7.73 13.96 -11.64
O3 NAG D . 9.61 12.64 -13.34
O4 NAG D . 8.74 12.24 -16.07
O5 NAG D . 5.60 12.36 -14.20
O6 NAG D . 4.49 11.59 -16.49
O7 NAG D . 7.59 12.49 -9.95
H1 NAG D . 5.90 14.20 -13.56
H2 NAG D . 7.33 12.11 -12.29
H3 NAG D . 8.40 13.94 -14.18
H4 NAG D . 7.94 11.17 -14.62
H5 NAG D . 6.42 13.29 -15.73
H61 NAG D . 6.04 10.50 -15.98
H62 NAG D . 6.34 11.49 -17.18
H81 NAG D . 7.75 15.52 -9.61
H82 NAG D . 9.21 14.90 -9.54
H83 NAG D . 8.10 14.44 -8.50
HN2 NAG D . 7.91 14.81 -11.88
HO3 NAG D . 10.22 12.75 -13.97
HO4 NAG D . 8.68 11.51 -16.58
HO6 NAG D . 4.22 12.25 -15.96
C1 GOL E . 20.44 14.73 -9.24
O1 GOL E . 21.20 14.88 -10.38
C2 GOL E . 19.00 15.20 -9.56
O2 GOL E . 18.41 15.78 -8.43
C3 GOL E . 19.12 16.20 -10.74
O3 GOL E . 17.88 16.82 -10.88
H11 GOL E . 20.79 15.25 -8.49
H12 GOL E . 20.41 13.81 -8.93
HO1 GOL E . 21.30 14.10 -10.71
H2 GOL E . 18.45 14.46 -9.82
HO2 GOL E . 18.84 15.50 -7.74
H31 GOL E . 19.39 15.72 -11.54
H32 GOL E . 19.85 16.82 -10.57
S SO4 F . -9.93 -9.96 -14.68
O1 SO4 F . -10.05 -10.37 -13.28
O2 SO4 F . -11.25 -9.66 -15.21
O3 SO4 F . -9.10 -8.75 -14.76
O4 SO4 F . -9.31 -11.03 -15.44
C1 NAG G . 6.38 -7.46 19.88
C2 NAG G . 5.60 -7.78 21.13
C3 NAG G . 6.44 -8.73 21.99
C4 NAG G . 6.86 -9.95 21.16
C5 NAG G . 7.37 -9.59 19.75
C6 NAG G . 7.43 -10.76 18.82
C7 NAG G . 4.51 -6.65 23.02
C8 NAG G . 4.17 -5.34 23.67
N2 NAG G . 5.22 -6.60 21.89
O3 NAG G . 5.74 -9.13 23.14
O4 NAG G . 7.89 -10.64 21.85
O5 NAG G . 6.52 -8.62 19.11
O6 NAG G . 7.65 -10.35 17.48
O7 NAG G . 4.17 -7.73 23.51
H3 NAG G . 7.24 -8.25 22.27
H4 NAG G . 6.07 -10.51 21.05
H5 NAG G . 8.26 -9.19 19.86
H61 NAG G . 8.15 -11.36 19.10
H62 NAG G . 6.59 -11.25 18.86
H81 NAG G . 4.52 -5.33 24.59
H82 NAG G . 4.58 -4.62 23.15
H83 NAG G . 3.20 -5.23 23.69
HN2 NAG G . 5.46 -5.79 21.57
HO3 NAG G . 5.09 -9.71 22.92
HO4 NAG G . 8.23 -11.27 21.31
HO6 NAG G . 6.99 -9.82 17.22
C1 NAG H . 13.92 -12.22 7.13
C2 NAG H . 14.56 -11.73 5.83
C3 NAG H . 16.02 -11.37 6.08
C4 NAG H . 16.13 -10.37 7.23
C5 NAG H . 15.37 -10.91 8.46
C6 NAG H . 15.34 -9.95 9.63
C7 NAG H . 14.14 -12.40 3.51
C8 NAG H . 14.09 -13.52 2.53
N2 NAG H . 14.47 -12.72 4.76
O3 NAG H . 16.61 -10.82 4.91
O4 NAG H . 17.48 -10.18 7.58
O5 NAG H . 14.00 -11.20 8.12
O6 NAG H . 15.70 -10.62 10.83
O7 NAG H . 13.89 -11.24 3.19
H3 NAG H . 16.51 -12.18 6.31
H4 NAG H . 15.72 -9.52 6.97
H5 NAG H . 15.80 -11.74 8.75
H61 NAG H . 15.98 -9.22 9.46
H62 NAG H . 14.45 -9.57 9.71
H81 NAG H . 14.98 -13.66 2.15
H82 NAG H . 13.79 -14.33 2.98
H83 NAG H . 13.46 -13.31 1.81
HN2 NAG H . 14.63 -13.59 4.96
HO3 NAG H . 17.49 -10.72 5.04
HO4 NAG H . 17.58 -9.38 7.97
HO6 NAG H . 15.78 -10.03 11.48
#